data_1M23
#
_entry.id   1M23
#
_cell.length_a   1.000
_cell.length_b   1.000
_cell.length_c   1.000
_cell.angle_alpha   90.00
_cell.angle_beta   90.00
_cell.angle_gamma   90.00
#
_symmetry.space_group_name_H-M   'P 1'
#
_entity_poly.entity_id   1
_entity_poly.type   'polypeptide(L)'
_entity_poly.pdbx_seq_one_letter_code
;YLRRFFKAKKLIE
;
_entity_poly.pdbx_strand_id   A
#
# COMPACT_ATOMS: atom_id res chain seq x y z
N TYR A 1 -10.23 -1.58 0.57
CA TYR A 1 -9.32 -0.92 -0.42
C TYR A 1 -7.90 -0.96 0.08
N LEU A 2 -7.73 -0.67 1.32
CA LEU A 2 -6.37 -0.66 1.92
C LEU A 2 -5.57 -1.87 1.51
N ARG A 3 -6.19 -2.86 0.95
CA ARG A 3 -5.43 -4.05 0.51
C ARG A 3 -4.32 -3.60 -0.42
N ARG A 4 -4.64 -2.78 -1.38
CA ARG A 4 -3.60 -2.30 -2.31
C ARG A 4 -3.06 -0.96 -1.85
N PHE A 5 -3.75 -0.31 -0.96
CA PHE A 5 -3.29 0.98 -0.47
C PHE A 5 -2.26 0.75 0.64
N PHE A 6 -2.21 -0.44 1.14
CA PHE A 6 -1.26 -0.76 2.23
C PHE A 6 0.03 -1.33 1.63
N LYS A 7 -0.05 -2.47 1.01
CA LYS A 7 1.15 -3.06 0.38
C LYS A 7 1.82 -2.02 -0.53
N ALA A 8 1.03 -1.16 -1.12
CA ALA A 8 1.59 -0.13 -2.01
C ALA A 8 2.52 0.78 -1.21
N LYS A 9 2.02 1.88 -0.71
CA LYS A 9 2.87 2.82 0.06
C LYS A 9 3.96 2.07 0.85
N LYS A 10 3.60 1.06 1.58
CA LYS A 10 4.63 0.30 2.36
C LYS A 10 5.96 0.22 1.59
N LEU A 11 5.92 -0.27 0.38
CA LEU A 11 7.16 -0.38 -0.41
C LEU A 11 7.32 0.80 -1.39
N ILE A 12 6.24 1.47 -1.68
CA ILE A 12 6.27 2.60 -2.62
C ILE A 12 5.55 3.82 -2.05
N GLU A 13 5.80 4.14 -0.82
CA GLU A 13 5.10 5.30 -0.22
C GLU A 13 5.29 6.56 -1.05
N TYR A 1 -9.03 -1.97 -0.90
CA TYR A 1 -8.80 -0.74 -0.09
C TYR A 1 -7.41 -0.80 0.54
N LEU A 2 -7.30 -0.77 1.84
CA LEU A 2 -5.95 -0.85 2.44
C LEU A 2 -5.20 -2.04 1.90
N ARG A 3 -5.87 -2.97 1.30
CA ARG A 3 -5.15 -4.11 0.73
C ARG A 3 -4.16 -3.57 -0.30
N ARG A 4 -4.61 -2.68 -1.16
CA ARG A 4 -3.69 -2.10 -2.16
C ARG A 4 -3.10 -0.77 -1.67
N PHE A 5 -3.70 -0.18 -0.69
CA PHE A 5 -3.20 1.10 -0.17
C PHE A 5 -2.05 0.82 0.79
N PHE A 6 -2.02 -0.37 1.32
CA PHE A 6 -0.95 -0.75 2.25
C PHE A 6 0.19 -1.43 1.50
N LYS A 7 -0.11 -2.52 0.83
CA LYS A 7 0.93 -3.23 0.06
C LYS A 7 1.66 -2.23 -0.84
N ALA A 8 1.01 -1.18 -1.24
CA ALA A 8 1.67 -0.19 -2.12
C ALA A 8 2.53 0.74 -1.28
N LYS A 9 2.00 1.85 -0.84
CA LYS A 9 2.79 2.81 -0.05
C LYS A 9 3.83 2.10 0.82
N LYS A 10 3.46 1.08 1.54
CA LYS A 10 4.44 0.35 2.39
C LYS A 10 5.82 0.30 1.73
N LEU A 11 5.89 -0.21 0.53
CA LEU A 11 7.19 -0.32 -0.17
C LEU A 11 7.37 0.83 -1.17
N ILE A 12 6.31 1.47 -1.56
CA ILE A 12 6.38 2.56 -2.55
C ILE A 12 5.60 3.78 -2.07
N GLU A 13 5.76 4.15 -0.85
CA GLU A 13 5.00 5.31 -0.34
C GLU A 13 5.23 6.55 -1.21
N TYR A 1 -9.30 -1.79 -0.64
CA TYR A 1 -9.01 -0.53 0.12
C TYR A 1 -7.59 -0.61 0.68
N LEU A 2 -7.41 -0.62 1.97
CA LEU A 2 -6.03 -0.71 2.49
C LEU A 2 -5.34 -1.94 1.93
N ARG A 3 -6.06 -2.86 1.40
CA ARG A 3 -5.39 -4.02 0.81
C ARG A 3 -4.43 -3.51 -0.26
N ARG A 4 -4.88 -2.56 -1.04
CA ARG A 4 -4.00 -1.99 -2.09
C ARG A 4 -3.29 -0.73 -1.60
N PHE A 5 -3.82 -0.08 -0.61
CA PHE A 5 -3.19 1.14 -0.08
C PHE A 5 -2.03 0.76 0.84
N PHE A 6 -2.05 -0.44 1.32
CA PHE A 6 -0.99 -0.88 2.26
C PHE A 6 0.16 -1.54 1.48
N LYS A 7 -0.12 -2.59 0.77
CA LYS A 7 0.96 -3.25 -0.01
C LYS A 7 1.67 -2.23 -0.88
N ALA A 8 1.01 -1.17 -1.26
CA ALA A 8 1.67 -0.15 -2.12
C ALA A 8 2.53 0.77 -1.27
N LYS A 9 2.02 1.89 -0.86
CA LYS A 9 2.82 2.84 -0.05
C LYS A 9 3.83 2.12 0.84
N LYS A 10 3.43 1.10 1.54
CA LYS A 10 4.38 0.36 2.41
C LYS A 10 5.77 0.30 1.77
N LEU A 11 5.86 -0.22 0.57
CA LEU A 11 7.17 -0.32 -0.11
C LEU A 11 7.39 0.83 -1.11
N ILE A 12 6.34 1.47 -1.54
CA ILE A 12 6.47 2.57 -2.53
C ILE A 12 5.67 3.78 -2.11
N GLU A 13 5.81 4.19 -0.89
CA GLU A 13 5.02 5.37 -0.42
C GLU A 13 5.25 6.57 -1.34
N TYR A 1 -9.12 -2.06 -1.39
CA TYR A 1 -8.92 -0.80 -0.63
C TYR A 1 -7.57 -0.83 0.07
N LEU A 2 -7.52 -0.72 1.38
CA LEU A 2 -6.23 -0.77 2.05
C LEU A 2 -5.46 -2.01 1.64
N ARG A 3 -6.12 -2.97 1.07
CA ARG A 3 -5.37 -4.16 0.62
C ARG A 3 -4.31 -3.69 -0.37
N ARG A 4 -4.68 -2.83 -1.28
CA ARG A 4 -3.69 -2.32 -2.25
C ARG A 4 -3.09 -0.98 -1.79
N PHE A 5 -3.75 -0.31 -0.90
CA PHE A 5 -3.25 0.99 -0.40
C PHE A 5 -2.19 0.73 0.66
N PHE A 6 -2.18 -0.45 1.21
CA PHE A 6 -1.19 -0.78 2.25
C PHE A 6 0.05 -1.39 1.61
N LYS A 7 -0.10 -2.50 0.93
CA LYS A 7 1.08 -3.12 0.28
C LYS A 7 1.76 -2.09 -0.62
N ALA A 8 1.01 -1.14 -1.13
CA ALA A 8 1.61 -0.11 -2.02
C ALA A 8 2.52 0.80 -1.21
N LYS A 9 2.01 1.91 -0.73
CA LYS A 9 2.86 2.86 0.05
C LYS A 9 3.93 2.10 0.86
N LYS A 10 3.56 1.08 1.57
CA LYS A 10 4.56 0.32 2.36
C LYS A 10 5.92 0.25 1.63
N LEU A 11 5.92 -0.26 0.42
CA LEU A 11 7.19 -0.36 -0.34
C LEU A 11 7.33 0.79 -1.34
N ILE A 12 6.25 1.47 -1.63
CA ILE A 12 6.30 2.59 -2.61
C ILE A 12 5.57 3.81 -2.07
N GLU A 13 5.81 4.14 -0.85
CA GLU A 13 5.11 5.32 -0.26
C GLU A 13 5.33 6.57 -1.12
N TYR A 1 -9.08 -2.16 -0.79
CA TYR A 1 -8.87 -0.90 -0.02
C TYR A 1 -7.47 -0.90 0.58
N LEU A 2 -7.33 -0.87 1.88
CA LEU A 2 -5.97 -0.88 2.45
C LEU A 2 -5.20 -2.08 1.95
N ARG A 3 -5.86 -3.03 1.37
CA ARG A 3 -5.11 -4.18 0.84
C ARG A 3 -4.16 -3.64 -0.23
N ARG A 4 -4.65 -2.74 -1.05
CA ARG A 4 -3.78 -2.15 -2.10
C ARG A 4 -3.16 -0.84 -1.63
N PHE A 5 -3.74 -0.20 -0.65
CA PHE A 5 -3.19 1.06 -0.15
C PHE A 5 -2.02 0.77 0.79
N PHE A 6 -2.00 -0.41 1.31
CA PHE A 6 -0.91 -0.79 2.23
C PHE A 6 0.21 -1.44 1.44
N LYS A 7 -0.05 -2.57 0.84
CA LYS A 7 0.99 -3.25 0.04
C LYS A 7 1.69 -2.22 -0.87
N ALA A 8 1.01 -1.17 -1.23
CA ALA A 8 1.63 -0.15 -2.11
C ALA A 8 2.51 0.78 -1.29
N LYS A 9 1.99 1.91 -0.87
CA LYS A 9 2.80 2.87 -0.08
C LYS A 9 3.82 2.16 0.80
N LYS A 10 3.43 1.16 1.54
CA LYS A 10 4.40 0.44 2.42
C LYS A 10 5.76 0.32 1.73
N LEU A 11 5.82 -0.22 0.55
CA LEU A 11 7.12 -0.37 -0.15
C LEU A 11 7.32 0.77 -1.18
N ILE A 12 6.27 1.44 -1.55
CA ILE A 12 6.35 2.53 -2.55
C ILE A 12 5.62 3.78 -2.06
N GLU A 13 5.79 4.13 -0.84
CA GLU A 13 5.07 5.32 -0.33
C GLU A 13 5.33 6.55 -1.20
N TYR A 1 -9.13 -2.13 -1.24
CA TYR A 1 -8.95 -0.80 -0.57
C TYR A 1 -7.60 -0.80 0.13
N LEU A 2 -7.55 -0.63 1.42
CA LEU A 2 -6.24 -0.64 2.11
C LEU A 2 -5.46 -1.88 1.73
N ARG A 3 -6.11 -2.88 1.20
CA ARG A 3 -5.35 -4.07 0.80
C ARG A 3 -4.29 -3.64 -0.20
N ARG A 4 -4.66 -2.79 -1.14
CA ARG A 4 -3.67 -2.32 -2.13
C ARG A 4 -3.07 -0.98 -1.69
N PHE A 5 -3.74 -0.26 -0.84
CA PHE A 5 -3.23 1.03 -0.37
C PHE A 5 -2.15 0.79 0.68
N PHE A 6 -2.15 -0.38 1.24
CA PHE A 6 -1.15 -0.70 2.29
C PHE A 6 0.06 -1.37 1.66
N LYS A 7 -0.15 -2.45 0.96
CA LYS A 7 1.00 -3.13 0.29
C LYS A 7 1.72 -2.16 -0.64
N ALA A 8 1.01 -1.20 -1.18
CA ALA A 8 1.66 -0.22 -2.09
C ALA A 8 2.55 0.71 -1.29
N LYS A 9 2.04 1.82 -0.85
CA LYS A 9 2.86 2.78 -0.08
C LYS A 9 3.92 2.07 0.78
N LYS A 10 3.55 1.03 1.49
CA LYS A 10 4.55 0.32 2.33
C LYS A 10 5.91 0.26 1.61
N LEU A 11 5.93 -0.25 0.41
CA LEU A 11 7.21 -0.35 -0.34
C LEU A 11 7.38 0.84 -1.29
N ILE A 12 6.29 1.50 -1.62
CA ILE A 12 6.34 2.64 -2.56
C ILE A 12 5.57 3.84 -2.01
N GLU A 13 5.78 4.16 -0.78
CA GLU A 13 5.03 5.30 -0.20
C GLU A 13 5.19 6.56 -1.05
N TYR A 1 -9.14 -2.33 -0.97
CA TYR A 1 -8.97 -1.04 -0.24
C TYR A 1 -7.58 -0.98 0.37
N LEU A 2 -7.45 -0.91 1.67
CA LEU A 2 -6.11 -0.86 2.25
C LEU A 2 -5.31 -2.07 1.82
N ARG A 3 -5.96 -3.07 1.30
CA ARG A 3 -5.19 -4.22 0.82
C ARG A 3 -4.23 -3.71 -0.25
N ARG A 4 -4.68 -2.83 -1.10
CA ARG A 4 -3.78 -2.29 -2.14
C ARG A 4 -3.16 -0.95 -1.69
N PHE A 5 -3.79 -0.28 -0.78
CA PHE A 5 -3.27 1.01 -0.30
C PHE A 5 -2.15 0.76 0.71
N PHE A 6 -2.11 -0.41 1.26
CA PHE A 6 -1.07 -0.73 2.27
C PHE A 6 0.13 -1.38 1.60
N LYS A 7 -0.08 -2.47 0.91
CA LYS A 7 1.04 -3.13 0.23
C LYS A 7 1.74 -2.14 -0.71
N ALA A 8 1.02 -1.17 -1.19
CA ALA A 8 1.65 -0.17 -2.09
C ALA A 8 2.53 0.76 -1.27
N LYS A 9 2.00 1.87 -0.82
CA LYS A 9 2.81 2.83 -0.03
C LYS A 9 3.87 2.09 0.81
N LYS A 10 3.49 1.06 1.51
CA LYS A 10 4.48 0.31 2.34
C LYS A 10 5.85 0.25 1.65
N LEU A 11 5.90 -0.26 0.44
CA LEU A 11 7.21 -0.34 -0.27
C LEU A 11 7.37 0.82 -1.27
N ILE A 12 6.29 1.47 -1.60
CA ILE A 12 6.34 2.59 -2.57
C ILE A 12 5.60 3.81 -2.06
N GLU A 13 5.79 4.14 -0.82
CA GLU A 13 5.07 5.31 -0.27
C GLU A 13 5.31 6.56 -1.11
N TYR A 1 -9.29 -1.89 -0.74
CA TYR A 1 -9.05 -0.60 -0.03
C TYR A 1 -7.65 -0.60 0.57
N LEU A 2 -7.48 -0.37 1.85
CA LEU A 2 -6.12 -0.39 2.41
C LEU A 2 -5.41 -1.67 2.00
N ARG A 3 -6.13 -2.66 1.57
CA ARG A 3 -5.44 -3.89 1.14
C ARG A 3 -4.43 -3.51 0.06
N ARG A 4 -4.83 -2.68 -0.87
CA ARG A 4 -3.89 -2.26 -1.92
C ARG A 4 -3.21 -0.94 -1.55
N PHE A 5 -3.81 -0.16 -0.71
CA PHE A 5 -3.22 1.11 -0.30
C PHE A 5 -2.09 0.85 0.69
N PHE A 6 -2.08 -0.32 1.25
CA PHE A 6 -1.02 -0.67 2.23
C PHE A 6 0.13 -1.37 1.52
N LYS A 7 -0.13 -2.51 0.93
CA LYS A 7 0.92 -3.24 0.20
C LYS A 7 1.67 -2.28 -0.73
N ALA A 8 1.02 -1.24 -1.18
CA ALA A 8 1.69 -0.29 -2.09
C ALA A 8 2.56 0.67 -1.29
N LYS A 9 2.02 1.78 -0.86
CA LYS A 9 2.81 2.77 -0.08
C LYS A 9 3.87 2.08 0.78
N LYS A 10 3.52 1.05 1.51
CA LYS A 10 4.53 0.36 2.36
C LYS A 10 5.89 0.32 1.65
N LEU A 11 5.95 -0.23 0.46
CA LEU A 11 7.24 -0.31 -0.27
C LEU A 11 7.37 0.86 -1.26
N ILE A 12 6.29 1.50 -1.59
CA ILE A 12 6.33 2.62 -2.55
C ILE A 12 5.56 3.83 -2.02
N GLU A 13 5.75 4.16 -0.79
CA GLU A 13 4.99 5.30 -0.22
C GLU A 13 5.19 6.57 -1.07
N TYR A 1 -9.32 -1.81 -1.11
CA TYR A 1 -9.05 -0.49 -0.46
C TYR A 1 -7.67 -0.54 0.22
N LEU A 2 -7.60 -0.36 1.51
CA LEU A 2 -6.28 -0.42 2.15
C LEU A 2 -5.57 -1.71 1.78
N ARG A 3 -6.28 -2.68 1.30
CA ARG A 3 -5.59 -3.92 0.90
C ARG A 3 -4.54 -3.55 -0.15
N ARG A 4 -4.91 -2.71 -1.08
CA ARG A 4 -3.92 -2.30 -2.12
C ARG A 4 -3.24 -0.98 -1.73
N PHE A 5 -3.83 -0.23 -0.85
CA PHE A 5 -3.25 1.04 -0.41
C PHE A 5 -2.17 0.77 0.63
N PHE A 6 -2.18 -0.40 1.18
CA PHE A 6 -1.19 -0.76 2.22
C PHE A 6 0.06 -1.36 1.57
N LYS A 7 -0.07 -2.53 0.99
CA LYS A 7 1.10 -3.15 0.32
C LYS A 7 1.77 -2.14 -0.60
N ALA A 8 1.02 -1.19 -1.11
CA ALA A 8 1.61 -0.17 -2.00
C ALA A 8 2.52 0.76 -1.21
N LYS A 9 2.02 1.87 -0.76
CA LYS A 9 2.86 2.84 0.01
C LYS A 9 3.93 2.10 0.82
N LYS A 10 3.56 1.07 1.52
CA LYS A 10 4.56 0.31 2.33
C LYS A 10 5.91 0.26 1.61
N LEU A 11 5.95 -0.25 0.41
CA LEU A 11 7.23 -0.33 -0.34
C LEU A 11 7.35 0.83 -1.34
N ILE A 12 6.26 1.48 -1.64
CA ILE A 12 6.28 2.60 -2.61
C ILE A 12 5.55 3.81 -2.04
N GLU A 13 5.80 4.14 -0.82
CA GLU A 13 5.09 5.29 -0.22
C GLU A 13 5.29 6.56 -1.06
N TYR A 1 -9.25 -1.78 -0.89
CA TYR A 1 -8.98 -0.49 -0.19
C TYR A 1 -7.58 -0.53 0.43
N LEU A 2 -7.44 -0.36 1.71
CA LEU A 2 -6.09 -0.41 2.30
C LEU A 2 -5.39 -1.69 1.87
N ARG A 3 -6.12 -2.66 1.43
CA ARG A 3 -5.45 -3.89 0.98
C ARG A 3 -4.43 -3.50 -0.10
N ARG A 4 -4.83 -2.64 -1.00
CA ARG A 4 -3.89 -2.22 -2.06
C ARG A 4 -3.20 -0.90 -1.67
N PHE A 5 -3.78 -0.14 -0.79
CA PHE A 5 -3.18 1.13 -0.36
C PHE A 5 -2.06 0.86 0.65
N PHE A 6 -2.07 -0.32 1.20
CA PHE A 6 -1.05 -0.68 2.21
C PHE A 6 0.12 -1.37 1.52
N LYS A 7 -0.13 -2.51 0.93
CA LYS A 7 0.96 -3.23 0.23
C LYS A 7 1.70 -2.25 -0.69
N ALA A 8 1.02 -1.23 -1.16
CA ALA A 8 1.67 -0.25 -2.04
C ALA A 8 2.54 0.69 -1.23
N LYS A 9 2.00 1.78 -0.76
CA LYS A 9 2.78 2.76 0.03
C LYS A 9 3.88 2.06 0.83
N LYS A 10 3.55 1.05 1.58
CA LYS A 10 4.58 0.33 2.39
C LYS A 10 5.93 0.29 1.64
N LEU A 11 5.96 -0.23 0.45
CA LEU A 11 7.23 -0.32 -0.31
C LEU A 11 7.37 0.86 -1.30
N ILE A 12 6.27 1.49 -1.63
CA ILE A 12 6.31 2.62 -2.59
C ILE A 12 5.53 3.81 -2.05
N GLU A 13 5.77 4.15 -0.82
CA GLU A 13 5.01 5.28 -0.23
C GLU A 13 5.12 6.53 -1.11
#